data_6NVG
#
_entry.id   6NVG
#
_cell.length_a   63.731
_cell.length_b   63.731
_cell.length_c   182.849
_cell.angle_alpha   90.00
_cell.angle_beta   90.00
_cell.angle_gamma   90.00
#
_symmetry.space_group_name_H-M   'P 43 21 2'
#
loop_
_entity.id
_entity.type
_entity.pdbx_description
1 polymer 'Fibroblast growth factor receptor 4'
2 non-polymer 'SULFATE ION'
3 non-polymer N-[3,5-dichloro-2-({5-[(2,6-dichloro-3,5-dimethoxyphenyl)methoxy]pyrimidin-2-yl}amino)phenyl]propanamide
4 water water
#
_entity_poly.entity_id   1
_entity_poly.type   'polypeptide(L)'
_entity_poly.pdbx_seq_one_letter_code
;MVSLDLPLDPLWEFPRDRLVLGKPLGEGCFGQVVRAEAFGMDPARPDQASTVAVKMLKDNASDKDLADLVSEMEVMKLIG
RHKNIINLLGVCTQEGPLYVIVECAAKGNLREFLRARRPPGSSEGPLSFPVLVSCAYQVARGMQYLESRKCIHRDLAARN
VLVTEDNVMKIADFGLARGVHHIDYYKKTSNGRLPVKWMAPEALFDRVYTHQSDVWSFGILLWEIFTLGGSPYPGIPVEE
LFSLLREGHRMDRPPHCPPELYGLMRECWHAAPSQRPTFKQLVEALDKVLLAVSHHHHHH
;
_entity_poly.pdbx_strand_id   A
#
loop_
_chem_comp.id
_chem_comp.type
_chem_comp.name
_chem_comp.formula
SO4 non-polymer 'SULFATE ION' 'O4 S -2'
XL8 non-polymer N-[3,5-dichloro-2-({5-[(2,6-dichloro-3,5-dimethoxyphenyl)methoxy]pyrimidin-2-yl}amino)phenyl]propanamide 'C22 H20 Cl4 N4 O4'
#
# COMPACT_ATOMS: atom_id res chain seq x y z
N ASP A 5 2.31 11.47 -28.27
CA ASP A 5 2.64 12.92 -28.42
C ASP A 5 3.05 13.52 -27.06
N LEU A 6 3.82 12.78 -26.28
CA LEU A 6 4.14 13.15 -24.90
C LEU A 6 5.48 13.87 -24.82
N PRO A 7 5.58 14.86 -23.93
CA PRO A 7 6.87 15.54 -23.75
C PRO A 7 7.93 14.67 -23.08
N LEU A 8 9.18 15.02 -23.34
CA LEU A 8 10.32 14.30 -22.81
C LEU A 8 10.76 15.02 -21.53
N ASP A 9 10.60 14.32 -20.42
CA ASP A 9 10.97 14.85 -19.12
C ASP A 9 12.39 14.41 -18.81
N PRO A 10 13.35 15.35 -18.91
CA PRO A 10 14.74 15.03 -18.60
C PRO A 10 14.98 14.47 -17.19
N LEU A 11 14.08 14.72 -16.24
CA LEU A 11 14.32 14.22 -14.89
C LEU A 11 14.00 12.72 -14.74
N TRP A 12 13.24 12.19 -15.69
CA TRP A 12 12.60 10.88 -15.54
C TRP A 12 12.78 9.93 -16.71
N GLU A 13 13.06 10.43 -17.91
CA GLU A 13 13.13 9.57 -19.08
C GLU A 13 14.30 8.58 -18.97
N PHE A 14 14.00 7.31 -19.24
CA PHE A 14 14.94 6.19 -19.13
C PHE A 14 15.00 5.52 -20.52
N PRO A 15 16.20 5.03 -20.95
CA PRO A 15 16.28 4.54 -22.36
C PRO A 15 15.55 3.21 -22.57
N ARG A 16 14.69 3.19 -23.57
CA ARG A 16 13.79 2.07 -23.82
C ARG A 16 14.61 0.81 -24.11
N ASP A 17 15.81 1.00 -24.66
CA ASP A 17 16.71 -0.08 -25.02
C ASP A 17 17.44 -0.66 -23.84
N ARG A 18 17.30 -0.06 -22.66
CA ARG A 18 17.93 -0.63 -21.46
C ARG A 18 16.91 -1.28 -20.50
N LEU A 19 15.69 -1.50 -20.98
CA LEU A 19 14.65 -2.19 -20.20
C LEU A 19 14.27 -3.48 -20.92
N VAL A 20 14.54 -4.62 -20.29
CA VAL A 20 14.21 -5.92 -20.87
C VAL A 20 12.94 -6.44 -20.20
N LEU A 21 11.83 -6.36 -20.94
CA LEU A 21 10.57 -6.80 -20.43
C LEU A 21 10.60 -8.30 -20.15
N GLY A 22 9.87 -8.73 -19.12
CA GLY A 22 9.84 -10.15 -18.73
C GLY A 22 8.42 -10.61 -18.48
N LYS A 23 8.24 -11.43 -17.45
CA LYS A 23 6.96 -12.11 -17.18
C LYS A 23 5.88 -11.13 -16.71
N PRO A 24 4.67 -11.23 -17.26
CA PRO A 24 3.50 -10.49 -16.76
C PRO A 24 3.27 -10.65 -15.27
N LEU A 25 2.99 -9.56 -14.55
CA LEU A 25 2.64 -9.66 -13.12
C LEU A 25 1.13 -9.55 -12.91
N GLY A 26 0.44 -8.87 -13.82
CA GLY A 26 -1.01 -8.75 -13.71
C GLY A 26 -1.60 -8.05 -14.92
N GLU A 27 -2.87 -8.33 -15.20
CA GLU A 27 -3.57 -7.77 -16.35
C GLU A 27 -4.94 -7.23 -15.92
N GLY A 28 -5.19 -5.95 -16.18
CA GLY A 28 -6.50 -5.35 -15.95
C GLY A 28 -7.30 -5.44 -17.24
N CYS A 29 -8.35 -4.64 -17.37
CA CYS A 29 -9.12 -4.61 -18.62
C CYS A 29 -8.24 -4.12 -19.77
N PHE A 30 -7.84 -2.84 -19.71
CA PHE A 30 -7.14 -2.17 -20.79
C PHE A 30 -5.63 -1.89 -20.54
N GLY A 31 -5.03 -2.51 -19.52
CA GLY A 31 -3.59 -2.31 -19.22
C GLY A 31 -2.95 -3.45 -18.44
N GLN A 32 -1.61 -3.44 -18.36
CA GLN A 32 -0.92 -4.49 -17.64
C GLN A 32 0.35 -4.07 -16.92
N VAL A 33 0.87 -4.99 -16.12
CA VAL A 33 2.11 -4.82 -15.40
C VAL A 33 3.01 -6.02 -15.61
N VAL A 34 4.26 -5.78 -15.97
CA VAL A 34 5.20 -6.82 -16.28
C VAL A 34 6.43 -6.58 -15.47
N ARG A 35 7.02 -7.66 -15.00
CA ARG A 35 8.36 -7.64 -14.45
C ARG A 35 9.33 -7.33 -15.59
N ALA A 36 10.44 -6.67 -15.25
CA ALA A 36 11.44 -6.31 -16.25
C ALA A 36 12.80 -6.22 -15.61
N GLU A 37 13.84 -6.37 -16.42
CA GLU A 37 15.20 -6.10 -15.97
C GLU A 37 15.57 -4.75 -16.55
N ALA A 38 16.07 -3.87 -15.70
CA ALA A 38 16.49 -2.53 -16.15
C ALA A 38 17.99 -2.43 -15.95
N PHE A 39 18.70 -1.88 -16.93
CA PHE A 39 20.15 -1.68 -16.80
C PHE A 39 20.48 -0.20 -16.64
N GLY A 40 21.13 0.12 -15.53
CA GLY A 40 21.53 1.48 -15.26
C GLY A 40 20.51 2.33 -14.50
N MET A 41 19.56 1.72 -13.79
CA MET A 41 18.65 2.48 -12.93
C MET A 41 19.43 3.25 -11.85
N ASP A 42 20.58 2.73 -11.46
CA ASP A 42 21.58 3.48 -10.70
C ASP A 42 22.53 4.18 -11.67
N PRO A 43 22.34 5.49 -11.86
CA PRO A 43 23.23 6.26 -12.73
C PRO A 43 24.71 6.07 -12.39
N ALA A 44 25.02 5.96 -11.10
CA ALA A 44 26.39 5.72 -10.64
C ALA A 44 27.02 4.44 -11.23
N ARG A 45 26.42 3.27 -10.98
CA ARG A 45 26.86 2.00 -11.57
C ARG A 45 25.92 1.61 -12.74
N PRO A 46 26.17 2.15 -13.94
CA PRO A 46 25.21 2.16 -15.04
C PRO A 46 25.04 0.86 -15.84
N ASP A 47 25.84 -0.15 -15.50
CA ASP A 47 25.74 -1.45 -16.15
C ASP A 47 24.94 -2.42 -15.28
N GLN A 48 24.83 -2.11 -13.98
CA GLN A 48 24.07 -2.93 -13.01
C GLN A 48 22.62 -3.18 -13.46
N ALA A 49 22.20 -4.43 -13.39
CA ALA A 49 20.80 -4.79 -13.60
C ALA A 49 19.99 -4.67 -12.31
N SER A 50 18.73 -4.32 -12.43
CA SER A 50 17.83 -4.47 -11.31
C SER A 50 16.45 -4.93 -11.85
N THR A 51 15.66 -5.52 -10.97
CA THR A 51 14.34 -5.99 -11.33
C THR A 51 13.34 -4.92 -10.94
N VAL A 52 12.47 -4.53 -11.86
CA VAL A 52 11.51 -3.45 -11.68
C VAL A 52 10.17 -3.96 -12.19
N ALA A 53 9.12 -3.23 -11.88
CA ALA A 53 7.82 -3.45 -12.49
C ALA A 53 7.49 -2.31 -13.44
N VAL A 54 6.83 -2.64 -14.53
CA VAL A 54 6.50 -1.70 -15.58
C VAL A 54 5.02 -1.72 -15.87
N LYS A 55 4.35 -0.58 -15.67
CA LYS A 55 2.95 -0.46 -16.07
C LYS A 55 2.84 0.11 -17.49
N MET A 56 1.94 -0.47 -18.29
CA MET A 56 1.73 -0.07 -19.67
C MET A 56 0.26 -0.31 -20.07
N LEU A 57 -0.14 0.21 -21.22
CA LEU A 57 -1.47 -0.07 -21.79
C LEU A 57 -1.46 -1.35 -22.62
N LYS A 58 -2.62 -2.00 -22.69
CA LYS A 58 -2.87 -3.04 -23.69
C LYS A 58 -3.30 -2.37 -24.98
N ASP A 59 -3.16 -3.09 -26.10
CA ASP A 59 -3.60 -2.58 -27.41
C ASP A 59 -5.10 -2.21 -27.45
N ASN A 60 -5.90 -2.76 -26.54
CA ASN A 60 -7.35 -2.58 -26.53
C ASN A 60 -7.81 -1.34 -25.77
N ALA A 61 -7.05 -0.24 -25.85
CA ALA A 61 -7.15 0.83 -24.83
C ALA A 61 -7.43 2.19 -25.43
N SER A 62 -8.24 2.98 -24.72
CA SER A 62 -8.74 4.26 -25.22
C SER A 62 -7.84 5.41 -24.81
N ASP A 63 -8.07 6.58 -25.42
CA ASP A 63 -7.38 7.80 -25.02
C ASP A 63 -7.62 8.08 -23.53
N LYS A 64 -8.78 7.69 -22.99
CA LYS A 64 -9.05 7.88 -21.56
C LYS A 64 -8.06 7.08 -20.73
N ASP A 65 -7.80 5.84 -21.14
CA ASP A 65 -6.92 4.94 -20.39
C ASP A 65 -5.52 5.54 -20.40
N LEU A 66 -5.10 6.06 -21.54
CA LEU A 66 -3.83 6.75 -21.62
C LEU A 66 -3.75 7.99 -20.70
N ALA A 67 -4.83 8.77 -20.66
CA ALA A 67 -4.91 9.92 -19.74
C ALA A 67 -4.75 9.52 -18.29
N ASP A 68 -5.34 8.38 -17.90
CA ASP A 68 -5.23 7.89 -16.52
C ASP A 68 -3.82 7.46 -16.13
N LEU A 69 -3.13 6.77 -17.02
CA LEU A 69 -1.76 6.32 -16.76
C LEU A 69 -0.80 7.51 -16.70
N VAL A 70 -0.98 8.48 -17.58
CA VAL A 70 -0.21 9.73 -17.53
C VAL A 70 -0.45 10.45 -16.19
N SER A 71 -1.70 10.52 -15.77
CA SER A 71 -2.06 11.13 -14.51
C SER A 71 -1.35 10.42 -13.34
N GLU A 72 -1.40 9.11 -13.35
CA GLU A 72 -0.72 8.34 -12.28
C GLU A 72 0.80 8.65 -12.29
N MET A 73 1.41 8.66 -13.47
CA MET A 73 2.86 8.99 -13.61
C MET A 73 3.21 10.39 -13.05
N GLU A 74 2.43 11.38 -13.45
CA GLU A 74 2.66 12.75 -13.05
C GLU A 74 2.43 12.96 -11.57
N VAL A 75 1.39 12.33 -11.04
CA VAL A 75 1.12 12.37 -9.62
C VAL A 75 2.28 11.73 -8.86
N MET A 76 2.78 10.60 -9.33
CA MET A 76 3.94 9.99 -8.66
C MET A 76 5.17 10.90 -8.69
N LYS A 77 5.44 11.53 -9.83
CA LYS A 77 6.53 12.51 -9.86
C LYS A 77 6.37 13.57 -8.81
N LEU A 78 5.20 14.19 -8.75
CA LEU A 78 4.99 15.29 -7.82
C LEU A 78 5.11 14.85 -6.33
N ILE A 79 4.54 13.72 -5.98
CA ILE A 79 4.59 13.28 -4.61
C ILE A 79 6.03 13.10 -4.10
N GLY A 80 6.90 12.59 -4.97
CA GLY A 80 8.28 12.33 -4.63
C GLY A 80 8.51 11.03 -3.90
N ARG A 81 9.76 10.84 -3.45
CA ARG A 81 10.31 9.54 -2.99
C ARG A 81 10.11 9.33 -1.48
N HIS A 82 9.85 8.10 -1.07
CA HIS A 82 9.91 7.75 0.34
C HIS A 82 10.19 6.27 0.49
N LYS A 83 10.90 5.92 1.56
CA LYS A 83 11.25 4.52 1.85
C LYS A 83 10.04 3.59 1.87
N ASN A 84 8.89 4.12 2.31
CA ASN A 84 7.71 3.28 2.58
C ASN A 84 6.56 3.38 1.59
N ILE A 85 6.88 3.80 0.37
CA ILE A 85 5.99 3.75 -0.77
C ILE A 85 6.72 3.10 -1.93
N ILE A 86 5.95 2.57 -2.87
CA ILE A 86 6.47 2.05 -4.13
C ILE A 86 6.86 3.24 -5.01
N ASN A 87 8.15 3.42 -5.25
CA ASN A 87 8.61 4.66 -5.88
C ASN A 87 8.66 4.54 -7.40
N LEU A 88 8.40 5.67 -8.07
CA LEU A 88 8.65 5.83 -9.50
C LEU A 88 10.14 5.81 -9.76
N LEU A 89 10.55 5.07 -10.76
CA LEU A 89 11.99 4.96 -11.09
C LEU A 89 12.36 5.58 -12.40
N GLY A 90 11.42 5.59 -13.33
CA GLY A 90 11.72 6.05 -14.68
C GLY A 90 10.50 5.93 -15.54
N VAL A 91 10.55 6.56 -16.72
CA VAL A 91 9.47 6.41 -17.69
C VAL A 91 10.07 6.20 -19.07
N CYS A 92 9.31 5.60 -19.99
CA CYS A 92 9.65 5.63 -21.41
C CYS A 92 8.48 6.23 -22.13
N THR A 93 8.69 7.40 -22.74
CA THR A 93 7.62 8.18 -23.34
C THR A 93 7.75 8.41 -24.85
N GLN A 94 8.95 8.21 -25.40
CA GLN A 94 9.29 8.66 -26.74
C GLN A 94 9.36 7.44 -27.66
N GLU A 95 8.80 7.57 -28.85
CA GLU A 95 9.01 6.60 -29.95
C GLU A 95 8.68 5.19 -29.47
N GLY A 96 7.42 5.00 -29.09
CA GLY A 96 6.97 3.69 -28.61
C GLY A 96 5.96 3.89 -27.51
N PRO A 97 5.47 2.79 -26.93
CA PRO A 97 4.38 2.94 -25.97
C PRO A 97 4.86 3.48 -24.60
N LEU A 98 3.93 4.10 -23.88
CA LEU A 98 4.16 4.61 -22.54
C LEU A 98 4.46 3.48 -21.57
N TYR A 99 5.65 3.54 -20.98
CA TYR A 99 6.04 2.66 -19.87
C TYR A 99 6.24 3.52 -18.63
N VAL A 100 5.62 3.12 -17.53
CA VAL A 100 5.88 3.73 -16.23
C VAL A 100 6.56 2.70 -15.36
N ILE A 101 7.79 3.00 -14.91
CA ILE A 101 8.64 2.03 -14.25
C ILE A 101 8.73 2.31 -12.77
N VAL A 102 8.43 1.30 -11.95
CA VAL A 102 8.42 1.44 -10.50
C VAL A 102 9.20 0.33 -9.82
N GLU A 103 9.46 0.52 -8.53
CA GLU A 103 10.10 -0.49 -7.71
C GLU A 103 9.32 -1.80 -7.73
N CYS A 104 10.03 -2.93 -7.76
CA CYS A 104 9.37 -4.25 -7.73
C CYS A 104 9.64 -4.92 -6.41
N ALA A 105 8.62 -5.16 -5.59
CA ALA A 105 8.88 -5.65 -4.24
C ALA A 105 8.89 -7.19 -4.31
N ALA A 106 9.98 -7.79 -3.85
CA ALA A 106 10.28 -9.20 -4.12
C ALA A 106 9.27 -10.12 -3.46
N LYS A 107 8.81 -9.76 -2.26
CA LYS A 107 7.95 -10.65 -1.49
C LYS A 107 6.46 -10.45 -1.59
N GLY A 108 5.99 -9.74 -2.62
CA GLY A 108 4.57 -9.60 -2.88
C GLY A 108 3.85 -8.71 -1.87
N ASN A 109 2.53 -8.89 -1.76
CA ASN A 109 1.73 -8.08 -0.88
C ASN A 109 1.71 -8.59 0.56
N LEU A 110 1.37 -7.68 1.44
CA LEU A 110 1.53 -7.91 2.86
C LEU A 110 0.55 -8.98 3.36
N ARG A 111 -0.65 -9.03 2.80
CA ARG A 111 -1.59 -10.09 3.22
C ARG A 111 -1.02 -11.48 2.92
N GLU A 112 -0.54 -11.67 1.69
CA GLU A 112 0.07 -12.95 1.31
C GLU A 112 1.34 -13.24 2.06
N PHE A 113 2.16 -12.21 2.28
CA PHE A 113 3.37 -12.36 3.07
C PHE A 113 3.05 -12.85 4.50
N LEU A 114 1.98 -12.31 5.09
CA LEU A 114 1.57 -12.72 6.42
C LEU A 114 0.99 -14.14 6.42
N ARG A 115 0.09 -14.40 5.47
CA ARG A 115 -0.61 -15.70 5.42
C ARG A 115 0.36 -16.86 5.21
N ALA A 116 1.38 -16.64 4.38
CA ALA A 116 2.39 -17.66 4.11
C ALA A 116 3.30 -17.88 5.30
N ARG A 117 3.32 -16.96 6.24
CA ARG A 117 4.14 -17.13 7.42
C ARG A 117 3.33 -17.54 8.65
N ARG A 118 2.07 -17.93 8.44
CA ARG A 118 1.27 -18.56 9.48
C ARG A 118 1.90 -19.87 9.93
N PRO A 119 2.21 -19.98 11.22
CA PRO A 119 2.80 -21.22 11.71
C PRO A 119 1.72 -22.30 11.83
N PRO A 120 2.10 -23.58 11.72
CA PRO A 120 1.11 -24.63 12.00
C PRO A 120 0.43 -24.48 13.39
N GLY A 121 -0.90 -24.44 13.39
CA GLY A 121 -1.71 -24.55 14.61
C GLY A 121 -1.32 -23.59 15.71
N SER A 122 -1.02 -24.12 16.89
CA SER A 122 -0.66 -23.31 18.06
C SER A 122 0.83 -22.99 18.15
N SER A 123 1.64 -23.35 17.14
CA SER A 123 3.10 -23.23 17.26
C SER A 123 3.61 -21.79 16.98
N GLU A 124 4.86 -21.50 17.37
CA GLU A 124 5.48 -20.19 17.09
C GLU A 124 5.93 -20.09 15.62
N GLY A 125 5.58 -18.99 14.97
CA GLY A 125 6.00 -18.72 13.59
C GLY A 125 7.16 -17.74 13.57
N PRO A 126 7.75 -17.54 12.40
CA PRO A 126 8.89 -16.65 12.32
C PRO A 126 8.59 -15.16 12.55
N LEU A 127 7.32 -14.74 12.56
CA LEU A 127 6.98 -13.32 12.79
C LEU A 127 6.79 -12.96 14.26
N SER A 128 7.83 -12.42 14.88
CA SER A 128 7.70 -11.92 16.24
C SER A 128 6.78 -10.69 16.32
N PHE A 129 6.33 -10.40 17.52
CA PHE A 129 5.67 -9.20 17.86
C PHE A 129 6.44 -7.97 17.34
N PRO A 130 7.75 -7.85 17.62
CA PRO A 130 8.39 -6.61 17.17
C PRO A 130 8.41 -6.44 15.66
N VAL A 131 8.48 -7.54 14.93
CA VAL A 131 8.37 -7.52 13.48
C VAL A 131 6.98 -7.09 12.99
N LEU A 132 5.93 -7.58 13.63
CA LEU A 132 4.56 -7.17 13.31
C LEU A 132 4.33 -5.66 13.54
N VAL A 133 4.74 -5.17 14.70
CA VAL A 133 4.60 -3.77 15.05
C VAL A 133 5.43 -2.94 14.07
N SER A 134 6.58 -3.47 13.67
CA SER A 134 7.44 -2.79 12.73
C SER A 134 6.76 -2.64 11.37
N CYS A 135 6.08 -3.69 10.90
CA CYS A 135 5.22 -3.59 9.71
C CYS A 135 4.18 -2.47 9.81
N ALA A 136 3.49 -2.40 10.94
CA ALA A 136 2.50 -1.36 11.15
C ALA A 136 3.14 0.06 11.18
N TYR A 137 4.24 0.19 11.93
CA TYR A 137 4.99 1.46 12.01
C TYR A 137 5.40 1.99 10.62
N GLN A 138 5.95 1.09 9.81
CA GLN A 138 6.38 1.43 8.47
C GLN A 138 5.24 1.88 7.57
N VAL A 139 4.09 1.21 7.67
CA VAL A 139 2.91 1.64 6.96
C VAL A 139 2.48 3.02 7.41
N ALA A 140 2.45 3.25 8.71
CA ALA A 140 2.06 4.55 9.24
C ALA A 140 3.00 5.68 8.74
N ARG A 141 4.31 5.40 8.71
CA ARG A 141 5.31 6.38 8.16
C ARG A 141 5.07 6.69 6.70
N GLY A 142 4.79 5.66 5.89
CA GLY A 142 4.44 5.87 4.49
C GLY A 142 3.19 6.72 4.34
N MET A 143 2.16 6.39 5.13
CA MET A 143 0.92 7.18 5.10
C MET A 143 1.11 8.62 5.60
N GLN A 144 1.95 8.82 6.61
CA GLN A 144 2.25 10.16 7.09
C GLN A 144 2.96 10.98 6.02
N TYR A 145 3.84 10.33 5.28
CA TYR A 145 4.48 10.97 4.15
C TYR A 145 3.47 11.33 3.06
N LEU A 146 2.66 10.38 2.61
CA LEU A 146 1.70 10.66 1.56
C LEU A 146 0.77 11.77 1.99
N GLU A 147 0.41 11.76 3.26
CA GLU A 147 -0.51 12.76 3.76
C GLU A 147 0.16 14.15 3.67
N SER A 148 1.46 14.24 3.98
CA SER A 148 2.19 15.51 3.89
C SER A 148 2.33 15.99 2.44
N ARG A 149 2.17 15.09 1.47
CA ARG A 149 2.17 15.46 0.04
C ARG A 149 0.74 15.54 -0.50
N LYS A 150 -0.22 15.71 0.41
CA LYS A 150 -1.64 15.85 0.08
C LYS A 150 -2.21 14.70 -0.68
N CYS A 151 -1.74 13.49 -0.40
CA CYS A 151 -2.27 12.32 -1.08
C CYS A 151 -3.17 11.57 -0.10
N ILE A 152 -4.45 11.45 -0.46
CA ILE A 152 -5.40 10.57 0.24
C ILE A 152 -5.47 9.24 -0.52
N HIS A 153 -5.26 8.14 0.18
CA HIS A 153 -5.09 6.85 -0.49
C HIS A 153 -6.44 6.31 -0.99
N ARG A 154 -7.39 6.18 -0.06
CA ARG A 154 -8.77 5.74 -0.31
C ARG A 154 -8.93 4.22 -0.32
N ASP A 155 -7.84 3.46 -0.44
CA ASP A 155 -7.95 1.97 -0.43
C ASP A 155 -6.80 1.28 0.34
N LEU A 156 -6.52 1.80 1.53
CA LEU A 156 -5.45 1.28 2.34
C LEU A 156 -5.94 -0.05 2.96
N ALA A 157 -5.14 -1.08 2.75
CA ALA A 157 -5.45 -2.47 3.17
C ALA A 157 -4.16 -3.26 2.99
N ALA A 158 -4.07 -4.43 3.59
CA ALA A 158 -2.82 -5.21 3.54
C ALA A 158 -2.48 -5.65 2.12
N ARG A 159 -3.51 -5.87 1.29
CA ARG A 159 -3.30 -6.23 -0.11
C ARG A 159 -2.65 -5.08 -0.93
N ASN A 160 -2.79 -3.85 -0.46
CA ASN A 160 -2.17 -2.71 -1.14
C ASN A 160 -0.89 -2.24 -0.43
N VAL A 161 -0.28 -3.12 0.37
CA VAL A 161 1.04 -2.88 0.91
C VAL A 161 1.92 -3.99 0.39
N LEU A 162 3.05 -3.65 -0.21
CA LEU A 162 4.00 -4.63 -0.73
C LEU A 162 5.24 -4.75 0.17
N VAL A 163 5.96 -5.86 0.03
CA VAL A 163 7.06 -6.20 0.95
C VAL A 163 8.31 -6.52 0.16
N THR A 164 9.40 -5.84 0.49
CA THR A 164 10.65 -5.97 -0.24
C THR A 164 11.44 -7.19 0.26
N GLU A 165 12.51 -7.52 -0.45
CA GLU A 165 13.43 -8.58 -0.04
C GLU A 165 13.91 -8.37 1.40
N ASP A 166 14.12 -7.12 1.79
CA ASP A 166 14.54 -6.75 3.14
C ASP A 166 13.38 -6.50 4.13
N ASN A 167 12.16 -6.96 3.82
CA ASN A 167 10.99 -6.78 4.72
C ASN A 167 10.63 -5.34 5.04
N VAL A 168 10.90 -4.44 4.10
CA VAL A 168 10.43 -3.05 4.16
C VAL A 168 9.00 -3.00 3.58
N MET A 169 8.08 -2.33 4.26
CA MET A 169 6.75 -2.12 3.73
C MET A 169 6.74 -0.93 2.73
N LYS A 170 6.01 -1.11 1.63
CA LYS A 170 5.83 -0.09 0.62
C LYS A 170 4.37 -0.01 0.16
N ILE A 171 3.72 1.11 0.46
CA ILE A 171 2.36 1.40 0.03
C ILE A 171 2.25 1.43 -1.47
N ALA A 172 1.27 0.70 -2.01
CA ALA A 172 1.10 0.60 -3.45
C ALA A 172 -0.07 1.45 -3.85
N ASP A 173 -0.13 1.77 -5.15
CA ASP A 173 -1.33 2.31 -5.79
C ASP A 173 -1.91 3.55 -5.15
N PHE A 174 -1.04 4.43 -4.68
CA PHE A 174 -1.48 5.66 -4.05
C PHE A 174 -1.75 6.78 -5.06
N GLY A 175 -1.40 6.57 -6.31
CA GLY A 175 -1.51 7.62 -7.32
C GLY A 175 -2.62 7.37 -8.34
N LEU A 176 -3.39 6.29 -8.17
CA LEU A 176 -4.61 6.08 -8.99
C LEU A 176 -5.68 7.08 -8.53
N PRO A 195 -14.46 -3.15 -1.27
CA PRO A 195 -13.56 -2.94 -0.13
C PRO A 195 -14.32 -2.32 1.03
N VAL A 196 -15.61 -2.63 1.11
CA VAL A 196 -16.50 -2.01 2.08
C VAL A 196 -16.06 -2.26 3.51
N LYS A 197 -15.42 -3.39 3.77
CA LYS A 197 -14.96 -3.72 5.11
C LYS A 197 -13.79 -2.86 5.60
N TRP A 198 -13.16 -2.11 4.69
CA TRP A 198 -12.01 -1.23 5.01
C TRP A 198 -12.40 0.24 5.08
N MET A 199 -13.64 0.54 4.70
CA MET A 199 -14.10 1.92 4.58
C MET A 199 -14.65 2.52 5.86
N ALA A 200 -14.28 3.77 6.10
CA ALA A 200 -14.87 4.57 7.16
C ALA A 200 -16.34 4.79 6.86
N PRO A 201 -17.12 5.01 7.92
CA PRO A 201 -18.54 5.29 7.80
C PRO A 201 -18.87 6.44 6.83
N GLU A 202 -18.18 7.57 6.98
CA GLU A 202 -18.41 8.74 6.14
C GLU A 202 -18.10 8.45 4.68
N ALA A 203 -17.24 7.45 4.44
CA ALA A 203 -16.97 7.02 3.07
C ALA A 203 -18.08 6.11 2.59
N LEU A 204 -18.46 5.15 3.44
CA LEU A 204 -19.57 4.23 3.16
C LEU A 204 -20.83 5.00 2.81
N PHE A 205 -21.24 5.91 3.67
CA PHE A 205 -22.59 6.42 3.63
C PHE A 205 -22.61 7.74 2.87
N ASP A 206 -21.58 8.58 3.02
CA ASP A 206 -21.56 9.93 2.41
C ASP A 206 -20.59 10.10 1.21
N ARG A 207 -19.96 9.03 0.74
CA ARG A 207 -18.93 9.08 -0.33
C ARG A 207 -17.79 10.10 -0.04
N VAL A 208 -17.59 10.46 1.24
CA VAL A 208 -16.53 11.40 1.68
C VAL A 208 -15.25 10.63 2.05
N TYR A 209 -14.14 10.95 1.41
CA TYR A 209 -12.84 10.36 1.73
C TYR A 209 -11.87 11.45 2.14
N THR A 210 -11.27 11.31 3.33
CA THR A 210 -10.31 12.27 3.86
C THR A 210 -9.08 11.49 4.36
N HIS A 211 -8.10 12.20 4.93
CA HIS A 211 -6.99 11.53 5.62
C HIS A 211 -7.51 10.74 6.83
N GLN A 212 -8.56 11.25 7.46
CA GLN A 212 -9.13 10.58 8.60
C GLN A 212 -9.89 9.31 8.27
N SER A 213 -10.46 9.25 7.06
CA SER A 213 -11.02 7.99 6.58
C SER A 213 -9.93 6.96 6.24
N ASP A 214 -8.75 7.43 5.82
CA ASP A 214 -7.63 6.53 5.65
C ASP A 214 -7.18 5.98 7.00
N VAL A 215 -7.28 6.77 8.06
CA VAL A 215 -6.96 6.31 9.39
C VAL A 215 -7.84 5.14 9.84
N TRP A 216 -9.11 5.21 9.51
CA TRP A 216 -10.01 4.11 9.80
C TRP A 216 -9.52 2.85 9.10
N SER A 217 -9.13 2.98 7.84
CA SER A 217 -8.65 1.85 7.10
C SER A 217 -7.37 1.28 7.70
N PHE A 218 -6.51 2.16 8.21
CA PHE A 218 -5.27 1.73 8.78
C PHE A 218 -5.58 0.87 10.02
N GLY A 219 -6.61 1.24 10.79
CA GLY A 219 -7.03 0.37 11.92
C GLY A 219 -7.43 -1.04 11.46
N ILE A 220 -8.09 -1.13 10.31
CA ILE A 220 -8.47 -2.41 9.74
C ILE A 220 -7.21 -3.15 9.32
N LEU A 221 -6.29 -2.43 8.71
CA LEU A 221 -5.01 -3.01 8.35
C LEU A 221 -4.25 -3.57 9.57
N LEU A 222 -4.26 -2.82 10.67
CA LEU A 222 -3.63 -3.27 11.92
C LEU A 222 -4.17 -4.61 12.39
N TRP A 223 -5.49 -4.72 12.34
CA TRP A 223 -6.18 -5.97 12.62
C TRP A 223 -5.75 -7.08 11.67
N GLU A 224 -5.62 -6.76 10.39
CA GLU A 224 -5.09 -7.74 9.45
C GLU A 224 -3.70 -8.20 9.87
N ILE A 225 -2.88 -7.28 10.35
CA ILE A 225 -1.48 -7.65 10.62
C ILE A 225 -1.48 -8.65 11.77
N PHE A 226 -2.25 -8.30 12.79
CA PHE A 226 -2.23 -9.09 14.02
C PHE A 226 -3.14 -10.33 13.96
N THR A 227 -3.78 -10.60 12.82
CA THR A 227 -4.41 -11.90 12.55
C THR A 227 -3.60 -12.64 11.49
N LEU A 228 -2.40 -12.15 11.21
CA LEU A 228 -1.58 -12.68 10.14
C LEU A 228 -2.33 -12.84 8.84
N GLY A 229 -3.07 -11.79 8.49
CA GLY A 229 -3.72 -11.74 7.20
C GLY A 229 -5.12 -12.32 7.19
N GLY A 230 -5.83 -12.16 8.29
CA GLY A 230 -7.21 -12.58 8.38
C GLY A 230 -8.15 -11.66 7.63
N SER A 231 -9.36 -12.18 7.38
CA SER A 231 -10.43 -11.45 6.69
C SER A 231 -11.26 -10.73 7.71
N PRO A 232 -11.41 -9.41 7.54
CA PRO A 232 -12.11 -8.59 8.53
C PRO A 232 -13.59 -8.97 8.71
N TYR A 233 -14.13 -8.73 9.91
CA TYR A 233 -15.51 -9.07 10.25
C TYR A 233 -15.78 -10.49 9.78
N PRO A 234 -15.02 -11.44 10.35
CA PRO A 234 -15.05 -12.83 9.92
C PRO A 234 -16.47 -13.41 10.02
N GLY A 235 -16.91 -14.02 8.92
CA GLY A 235 -18.27 -14.53 8.79
C GLY A 235 -19.23 -13.43 8.38
N ILE A 236 -19.31 -12.39 9.23
CA ILE A 236 -20.42 -11.45 9.23
C ILE A 236 -20.77 -11.00 7.83
N PRO A 237 -21.99 -11.31 7.36
CA PRO A 237 -22.33 -11.04 5.96
C PRO A 237 -22.23 -9.54 5.66
N VAL A 238 -21.75 -9.21 4.46
CA VAL A 238 -21.47 -7.82 4.09
C VAL A 238 -22.66 -6.84 4.22
N GLU A 239 -23.83 -7.37 4.62
CA GLU A 239 -25.05 -6.56 4.77
C GLU A 239 -25.30 -6.16 6.22
N GLU A 240 -24.88 -7.00 7.16
CA GLU A 240 -25.01 -6.72 8.60
C GLU A 240 -23.96 -5.71 9.11
N LEU A 241 -22.95 -5.45 8.28
CA LEU A 241 -21.82 -4.59 8.67
C LEU A 241 -22.28 -3.20 9.07
N PHE A 242 -23.03 -2.57 8.20
CA PHE A 242 -23.40 -1.15 8.38
C PHE A 242 -24.23 -0.98 9.61
N SER A 243 -25.11 -1.93 9.86
CA SER A 243 -25.90 -1.93 11.08
C SER A 243 -25.04 -2.14 12.33
N LEU A 244 -24.12 -3.12 12.27
CA LEU A 244 -23.13 -3.32 13.35
C LEU A 244 -22.43 -2.00 13.72
N LEU A 245 -21.97 -1.26 12.70
CA LEU A 245 -21.16 -0.08 12.96
C LEU A 245 -21.99 1.02 13.56
N ARG A 246 -23.19 1.19 13.00
CA ARG A 246 -24.13 2.19 13.52
C ARG A 246 -24.50 1.94 14.96
N GLU A 247 -24.54 0.69 15.36
CA GLU A 247 -24.86 0.36 16.74
C GLU A 247 -23.64 0.36 17.69
N GLY A 248 -22.45 0.71 17.20
CA GLY A 248 -21.27 0.82 18.08
C GLY A 248 -20.41 -0.43 18.15
N HIS A 249 -20.72 -1.43 17.35
CA HIS A 249 -19.95 -2.66 17.31
C HIS A 249 -18.70 -2.47 16.49
N ARG A 250 -17.63 -3.17 16.87
CA ARG A 250 -16.39 -3.23 16.11
C ARG A 250 -15.83 -4.63 16.20
N MET A 251 -14.81 -4.95 15.42
CA MET A 251 -14.10 -6.23 15.63
C MET A 251 -13.54 -6.37 17.03
N ASP A 252 -13.53 -7.63 17.47
CA ASP A 252 -12.96 -8.03 18.75
C ASP A 252 -11.45 -8.09 18.66
N ARG A 253 -10.82 -8.10 19.83
CA ARG A 253 -9.38 -8.24 19.91
C ARG A 253 -8.99 -9.58 19.36
N PRO A 254 -8.09 -9.61 18.38
CA PRO A 254 -7.59 -10.91 17.92
C PRO A 254 -6.74 -11.64 18.97
N PRO A 255 -6.71 -12.97 18.90
CA PRO A 255 -5.88 -13.75 19.80
C PRO A 255 -4.46 -13.23 19.84
N HIS A 256 -3.95 -13.07 21.06
CA HIS A 256 -2.54 -12.75 21.33
C HIS A 256 -2.20 -11.30 21.01
N CYS A 257 -3.18 -10.52 20.54
CA CYS A 257 -2.97 -9.09 20.30
C CYS A 257 -2.95 -8.35 21.62
N PRO A 258 -1.84 -7.67 21.93
CA PRO A 258 -1.84 -6.98 23.23
C PRO A 258 -2.88 -5.87 23.29
N PRO A 259 -3.35 -5.56 24.51
CA PRO A 259 -4.32 -4.50 24.72
C PRO A 259 -3.96 -3.16 24.11
N GLU A 260 -2.68 -2.80 24.16
CA GLU A 260 -2.19 -1.53 23.64
C GLU A 260 -2.47 -1.43 22.13
N LEU A 261 -2.20 -2.48 21.39
CA LEU A 261 -2.45 -2.45 19.97
C LEU A 261 -3.93 -2.53 19.61
N TYR A 262 -4.68 -3.36 20.33
CA TYR A 262 -6.14 -3.34 20.17
C TYR A 262 -6.70 -1.96 20.43
N GLY A 263 -6.25 -1.32 21.49
CA GLY A 263 -6.61 0.06 21.85
C GLY A 263 -6.41 1.07 20.72
N LEU A 264 -5.28 0.95 20.00
CA LEU A 264 -5.05 1.77 18.82
C LEU A 264 -6.06 1.48 17.72
N MET A 265 -6.27 0.20 17.42
CA MET A 265 -7.29 -0.16 16.43
C MET A 265 -8.61 0.52 16.75
N ARG A 266 -9.03 0.42 18.01
CA ARG A 266 -10.30 0.98 18.42
C ARG A 266 -10.36 2.50 18.28
N GLU A 267 -9.26 3.19 18.48
CA GLU A 267 -9.24 4.63 18.32
C GLU A 267 -9.41 4.99 16.85
N CYS A 268 -8.82 4.18 15.95
CA CYS A 268 -8.95 4.46 14.53
C CYS A 268 -10.40 4.25 14.08
N TRP A 269 -11.17 3.48 14.87
CA TRP A 269 -12.55 3.15 14.49
C TRP A 269 -13.58 3.94 15.26
N HIS A 270 -13.19 5.04 15.90
CA HIS A 270 -14.16 6.02 16.36
C HIS A 270 -15.02 6.51 15.21
N ALA A 271 -16.32 6.66 15.48
CA ALA A 271 -17.27 7.10 14.46
C ALA A 271 -16.91 8.51 13.98
N ALA A 272 -16.60 9.38 14.93
CA ALA A 272 -16.28 10.75 14.59
C ALA A 272 -14.83 10.83 14.02
N PRO A 273 -14.66 11.22 12.74
CA PRO A 273 -13.31 11.41 12.14
C PRO A 273 -12.33 12.15 13.03
N SER A 274 -12.81 13.22 13.68
CA SER A 274 -11.94 14.09 14.44
C SER A 274 -11.50 13.45 15.73
N GLN A 275 -12.14 12.36 16.14
CA GLN A 275 -11.68 11.64 17.31
C GLN A 275 -10.73 10.52 16.97
N ARG A 276 -10.51 10.22 15.69
CA ARG A 276 -9.50 9.23 15.36
C ARG A 276 -8.12 9.86 15.51
N PRO A 277 -7.10 9.04 15.74
CA PRO A 277 -5.76 9.59 15.72
C PRO A 277 -5.35 10.13 14.34
N THR A 278 -4.36 11.02 14.30
CA THR A 278 -3.69 11.40 13.05
C THR A 278 -2.59 10.36 12.70
N PHE A 279 -2.12 10.36 11.46
CA PHE A 279 -1.01 9.50 11.10
C PHE A 279 0.24 9.83 11.90
N LYS A 280 0.39 11.10 12.27
CA LYS A 280 1.49 11.49 13.13
C LYS A 280 1.38 10.85 14.49
N GLN A 281 0.18 10.84 15.07
CA GLN A 281 -0.02 10.17 16.37
C GLN A 281 0.12 8.66 16.26
N LEU A 282 -0.26 8.09 15.13
CA LEU A 282 -0.07 6.61 15.02
C LEU A 282 1.41 6.26 14.94
N VAL A 283 2.16 7.06 14.19
CA VAL A 283 3.63 6.86 14.13
C VAL A 283 4.23 6.92 15.53
N GLU A 284 3.85 7.95 16.29
CA GLU A 284 4.37 8.13 17.63
C GLU A 284 3.97 7.03 18.60
N ALA A 285 2.72 6.59 18.53
CA ALA A 285 2.28 5.45 19.35
C ALA A 285 3.02 4.17 18.99
N LEU A 286 3.15 3.85 17.70
CA LEU A 286 3.83 2.63 17.35
C LEU A 286 5.33 2.72 17.69
N ASP A 287 5.90 3.91 17.51
CA ASP A 287 7.28 4.15 17.95
C ASP A 287 7.45 3.83 19.45
N LYS A 288 6.55 4.32 20.30
CA LYS A 288 6.66 4.06 21.75
C LYS A 288 6.66 2.56 22.01
N VAL A 289 5.83 1.82 21.29
CA VAL A 289 5.82 0.35 21.44
C VAL A 289 7.13 -0.31 21.06
N LEU A 290 7.67 0.05 19.90
CA LEU A 290 8.92 -0.53 19.46
C LEU A 290 10.10 -0.16 20.37
N LEU A 291 10.10 1.07 20.86
CA LEU A 291 11.07 1.52 21.85
C LEU A 291 10.97 0.72 23.13
N ALA A 292 9.76 0.36 23.57
CA ALA A 292 9.63 -0.33 24.83
C ALA A 292 10.04 -1.80 24.72
N VAL A 293 10.11 -2.34 23.51
CA VAL A 293 10.49 -3.72 23.32
C VAL A 293 12.02 -3.83 23.28
N SER A 294 12.64 -3.62 24.44
CA SER A 294 14.07 -3.86 24.65
C SER A 294 14.95 -3.24 23.56
S SO4 B . 11.39 -14.32 5.62
O1 SO4 B . 11.16 -14.48 4.17
O2 SO4 B . 12.70 -14.96 5.92
O3 SO4 B . 10.33 -14.97 6.42
O4 SO4 B . 11.43 -12.90 6.01
S SO4 C . -4.96 -13.76 24.32
O1 SO4 C . -4.53 -12.53 23.61
O2 SO4 C . -3.77 -14.53 24.73
O3 SO4 C . -5.81 -14.58 23.42
O4 SO4 C . -5.73 -13.36 25.52
S SO4 D . -8.99 -16.28 7.46
O1 SO4 D . -8.22 -15.74 6.32
O2 SO4 D . -8.07 -16.59 8.60
O3 SO4 D . -9.69 -17.50 7.00
O4 SO4 D . -9.99 -15.28 7.87
C1 XL8 E . 2.37 1.09 -8.19
C2 XL8 E . 2.53 -0.29 -8.22
C3 XL8 E . 2.81 -0.99 -9.39
C4 XL8 E . 2.87 -0.25 -10.56
C5 XL8 E . 2.67 1.13 -10.57
C6 XL8 E . 2.42 1.79 -9.38
O1 XL8 E . 2.07 1.69 -7.01
O2 XL8 E . 2.76 1.80 -11.75
C7 XL8 E . 2.71 2.92 -6.67
C8 XL8 E . 2.47 3.19 -11.77
CL1 XL8 E . 2.47 -1.17 -6.72
CL2 XL8 E . 3.32 -1.08 -12.02
C9 XL8 E . 3.09 -2.47 -9.38
O3 XL8 E . 4.40 -2.73 -8.83
C10 XL8 E . 4.67 -3.94 -8.25
C11 XL8 E . 4.00 -5.13 -8.53
N1 XL8 E . 4.37 -6.28 -7.95
C12 XL8 E . 5.39 -6.21 -7.05
N2 XL8 E . 6.07 -5.09 -6.74
C13 XL8 E . 5.71 -3.97 -7.36
N3 XL8 E . 5.75 -7.33 -6.37
C14 XL8 E . 5.27 -8.65 -6.58
C15 XL8 E . 6.13 -9.60 -7.16
C16 XL8 E . 5.63 -10.89 -7.38
C17 XL8 E . 4.31 -11.17 -7.09
C18 XL8 E . 3.44 -10.22 -6.57
C19 XL8 E . 3.95 -8.96 -6.30
N4 XL8 E . 7.49 -9.24 -7.35
C20 XL8 E . 8.33 -9.69 -8.31
C21 XL8 E . 9.74 -9.15 -8.27
C22 XL8 E . 9.87 -7.68 -7.89
O4 XL8 E . 7.99 -10.56 -9.10
CL3 XL8 E . 2.90 -7.77 -5.60
CL4 XL8 E . 3.66 -12.75 -7.41
#